data_5AOH
#
_entry.id   5AOH
#
_cell.length_a   49.470
_cell.length_b   55.450
_cell.length_c   176.200
_cell.angle_alpha   90.00
_cell.angle_beta   90.00
_cell.angle_gamma   90.00
#
_symmetry.space_group_name_H-M   'P 21 21 21'
#
loop_
_entity.id
_entity.type
_entity.pdbx_description
1 polymer 'Spore coat protein CotH'
2 non-polymer 'POTASSIUM ION'
3 water water
#
_entity_poly.entity_id   1
_entity_poly.type   'polypeptide(L)'
_entity_poly.pdbx_seq_one_letter_code
;EILPIDEVNVDGGDFYVGLVFGKEDYAAHANTHLTPFSIMRTEVTYHQYQALQAWAETRGYQISGGCNGATFEDCWPSEK
DGGRHPVTNVSWWDAVIFANALSAQHNLQPYYVTADGQALKIPPEEGTDRGIRENPQASGYRLPTLAEWQVAARGGNKGL
SDGTYGSRYAGKDQPASVANLPVSGTQTFSTLPVASKQPNSLGLYDMSGNVSEWLNENYAVKGGKKMYYFCGGSYMDRVG
SLASCDVHTPGFAMSDIGFRLVRPIDDKHHHHH
;
_entity_poly.pdbx_strand_id   A,B
#
# COMPACT_ATOMS: atom_id res chain seq x y z
N ILE A 2 -19.09 -3.48 12.61
CA ILE A 2 -17.97 -4.42 12.35
C ILE A 2 -16.80 -3.72 11.70
N LEU A 3 -15.62 -3.99 12.26
CA LEU A 3 -14.35 -3.47 11.74
C LEU A 3 -13.90 -4.34 10.55
N PRO A 4 -13.79 -3.75 9.34
CA PRO A 4 -13.31 -4.58 8.23
C PRO A 4 -11.75 -4.70 8.27
N ILE A 5 -11.22 -5.91 8.04
CA ILE A 5 -9.81 -6.20 8.22
C ILE A 5 -9.19 -6.60 6.84
N ASP A 6 -8.02 -6.03 6.57
CA ASP A 6 -7.26 -6.29 5.36
C ASP A 6 -6.16 -7.29 5.72
N GLU A 7 -6.36 -8.54 5.32
CA GLU A 7 -5.42 -9.58 5.67
C GLU A 7 -5.06 -10.37 4.45
N VAL A 8 -3.94 -11.04 4.57
CA VAL A 8 -3.31 -11.84 3.52
C VAL A 8 -3.11 -13.28 4.00
N ASN A 9 -3.48 -14.28 3.19
CA ASN A 9 -3.20 -15.67 3.57
C ASN A 9 -1.77 -16.04 3.34
N VAL A 10 -1.16 -16.65 4.37
CA VAL A 10 0.24 -17.05 4.30
C VAL A 10 0.32 -18.53 4.33
N ASP A 11 0.76 -19.12 3.23
CA ASP A 11 0.77 -20.56 3.11
C ASP A 11 1.87 -21.07 3.98
N GLY A 12 1.62 -22.23 4.55
CA GLY A 12 2.54 -22.87 5.46
C GLY A 12 3.58 -23.73 4.80
N GLY A 13 4.26 -24.53 5.58
CA GLY A 13 5.36 -25.34 5.08
C GLY A 13 6.56 -25.26 6.01
N ASP A 14 7.71 -25.58 5.43
CA ASP A 14 8.98 -25.67 6.15
C ASP A 14 9.84 -24.45 5.77
N PHE A 15 10.42 -23.80 6.77
CA PHE A 15 11.09 -22.51 6.61
C PHE A 15 12.32 -22.35 7.51
N TYR A 16 13.24 -21.53 7.07
CA TYR A 16 14.37 -21.09 7.86
C TYR A 16 14.04 -19.79 8.58
N VAL A 17 14.23 -19.83 9.89
CA VAL A 17 14.12 -18.66 10.75
C VAL A 17 15.47 -18.54 11.48
N GLY A 18 16.05 -17.35 11.45
CA GLY A 18 17.31 -17.06 12.16
C GLY A 18 18.03 -15.83 11.62
N LEU A 19 19.31 -15.73 11.90
CA LEU A 19 20.06 -14.51 11.60
C LEU A 19 20.73 -14.47 10.23
N VAL A 20 20.69 -15.55 9.46
CA VAL A 20 21.38 -15.56 8.17
C VAL A 20 20.55 -14.86 7.11
N PHE A 21 21.24 -14.03 6.34
CA PHE A 21 20.64 -13.33 5.21
C PHE A 21 21.53 -13.52 3.97
N GLY A 22 21.07 -13.01 2.85
CA GLY A 22 21.78 -13.12 1.58
C GLY A 22 21.31 -14.27 0.74
N LYS A 23 21.97 -14.49 -0.39
CA LYS A 23 21.54 -15.57 -1.26
C LYS A 23 22.08 -16.89 -0.71
N GLU A 24 21.22 -17.62 -0.06
CA GLU A 24 21.56 -18.98 0.34
C GLU A 24 20.43 -19.93 -0.06
N ASP A 25 20.71 -21.22 0.12
CA ASP A 25 19.78 -22.27 -0.14
C ASP A 25 18.99 -22.49 1.17
N TYR A 26 17.98 -21.66 1.38
CA TYR A 26 17.23 -21.68 2.64
C TYR A 26 16.37 -22.95 2.76
N ALA A 27 15.86 -23.43 1.63
CA ALA A 27 15.12 -24.68 1.64
C ALA A 27 15.92 -25.81 2.28
N ALA A 28 17.22 -25.86 2.02
CA ALA A 28 18.09 -26.91 2.57
C ALA A 28 18.37 -26.76 4.06
N HIS A 29 17.95 -25.65 4.66
CA HIS A 29 18.24 -25.37 6.07
C HIS A 29 17.00 -25.02 6.84
N ALA A 30 15.85 -25.39 6.33
CA ALA A 30 14.62 -25.04 7.06
C ALA A 30 14.66 -25.65 8.46
N ASN A 31 14.17 -24.91 9.43
CA ASN A 31 14.24 -25.32 10.83
C ASN A 31 12.98 -25.07 11.66
N THR A 32 11.87 -24.70 11.03
CA THR A 32 10.62 -24.46 11.71
C THR A 32 9.54 -24.89 10.77
N HIS A 33 8.43 -25.39 11.31
CA HIS A 33 7.28 -25.77 10.50
C HIS A 33 6.11 -24.87 10.85
N LEU A 34 5.45 -24.36 9.84
CA LEU A 34 4.28 -23.55 10.08
C LEU A 34 3.08 -24.10 9.34
N THR A 35 1.90 -24.00 9.99
CA THR A 35 0.63 -24.21 9.34
C THR A 35 0.15 -22.88 8.79
N PRO A 36 -0.70 -22.94 7.76
CA PRO A 36 -1.16 -21.69 7.14
C PRO A 36 -1.87 -20.76 8.11
N PHE A 37 -1.65 -19.46 7.89
CA PHE A 37 -2.29 -18.46 8.74
C PHE A 37 -2.54 -17.24 7.93
N SER A 38 -3.46 -16.41 8.41
CA SER A 38 -3.74 -15.12 7.80
C SER A 38 -3.04 -14.04 8.61
N ILE A 39 -2.50 -13.02 7.96
CA ILE A 39 -1.81 -11.89 8.66
C ILE A 39 -2.33 -10.57 8.16
N MET A 40 -2.45 -9.58 9.05
CA MET A 40 -2.88 -8.27 8.64
C MET A 40 -1.83 -7.63 7.72
N ARG A 41 -2.31 -7.03 6.66
CA ARG A 41 -1.41 -6.48 5.61
C ARG A 41 -0.58 -5.31 6.16
N THR A 42 -1.16 -4.58 7.11
CA THR A 42 -0.53 -3.46 7.72
C THR A 42 -0.57 -3.60 9.25
N GLU A 43 0.28 -2.81 9.90
CA GLU A 43 0.09 -2.45 11.32
C GLU A 43 -1.38 -1.98 11.56
N VAL A 44 -1.90 -2.30 12.74
CA VAL A 44 -3.21 -1.79 13.15
C VAL A 44 -3.09 -0.28 13.23
N THR A 45 -4.06 0.41 12.64
CA THR A 45 -4.04 1.88 12.62
C THR A 45 -4.73 2.42 13.86
N TYR A 46 -4.46 3.68 14.15
CA TYR A 46 -5.15 4.38 15.23
C TYR A 46 -6.67 4.47 14.96
N HIS A 47 -7.06 4.79 13.73
CA HIS A 47 -8.46 4.82 13.37
C HIS A 47 -9.13 3.47 13.68
N GLN A 48 -8.47 2.36 13.33
CA GLN A 48 -9.03 1.01 13.68
C GLN A 48 -9.10 0.81 15.18
N TYR A 49 -8.04 1.22 15.85
CA TYR A 49 -7.93 1.00 17.28
C TYR A 49 -9.01 1.76 18.03
N GLN A 50 -9.18 3.05 17.70
CA GLN A 50 -10.16 3.95 18.30
C GLN A 50 -11.58 3.42 18.15
N ALA A 51 -11.87 2.93 16.93
CA ALA A 51 -13.15 2.35 16.58
C ALA A 51 -13.50 1.09 17.36
N LEU A 52 -12.58 0.14 17.45
CA LEU A 52 -12.85 -1.01 18.32
C LEU A 52 -12.90 -0.65 19.81
N GLN A 53 -12.04 0.28 20.26
CA GLN A 53 -12.19 0.86 21.60
C GLN A 53 -13.58 1.31 21.90
N ALA A 54 -14.15 2.13 21.01
CA ALA A 54 -15.48 2.63 21.25
C ALA A 54 -16.50 1.51 21.26
N TRP A 55 -16.36 0.53 20.39
CA TRP A 55 -17.36 -0.60 20.33
C TRP A 55 -17.28 -1.49 21.55
N ALA A 56 -16.05 -1.78 21.98
CA ALA A 56 -15.87 -2.74 23.09
C ALA A 56 -16.14 -2.17 24.47
N GLU A 57 -16.15 -0.84 24.63
CA GLU A 57 -16.34 -0.21 25.95
C GLU A 57 -17.61 -0.70 26.62
N THR A 58 -18.67 -0.83 25.88
CA THR A 58 -19.93 -1.29 26.46
C THR A 58 -20.12 -2.81 26.56
N ARG A 59 -19.13 -3.57 26.07
CA ARG A 59 -19.20 -5.04 26.06
C ARG A 59 -18.17 -5.65 27.00
N GLY A 60 -17.63 -4.81 27.86
CA GLY A 60 -16.81 -5.25 28.98
C GLY A 60 -15.34 -5.34 28.69
N TYR A 61 -14.93 -4.95 27.49
CA TYR A 61 -13.48 -4.99 27.13
C TYR A 61 -12.86 -3.68 27.47
N GLN A 62 -11.65 -3.72 28.08
CA GLN A 62 -10.93 -2.51 28.41
C GLN A 62 -9.69 -2.48 27.52
N ILE A 63 -9.79 -1.72 26.45
CA ILE A 63 -8.69 -1.53 25.49
C ILE A 63 -8.25 -0.12 25.76
N SER A 64 -7.02 0.07 26.19
CA SER A 64 -6.64 1.32 26.76
C SER A 64 -5.58 1.98 25.92
N GLY A 65 -5.37 3.24 26.20
CA GLY A 65 -4.28 4.05 25.51
C GLY A 65 -4.53 4.16 24.03
N GLY A 66 -3.45 4.12 23.25
CA GLY A 66 -3.52 4.31 21.77
C GLY A 66 -3.44 5.80 21.37
N CYS A 67 -2.50 6.13 20.45
CA CYS A 67 -2.21 7.43 19.81
C CYS A 67 -2.14 7.15 18.30
N ASN A 68 -2.35 8.25 17.58
CA ASN A 68 -2.14 8.26 16.15
C ASN A 68 -0.67 8.39 15.82
N GLY A 69 0.01 7.27 15.60
CA GLY A 69 1.42 7.30 15.23
C GLY A 69 2.30 8.06 16.19
N ALA A 70 3.34 8.70 15.65
CA ALA A 70 4.25 9.46 16.48
C ALA A 70 5.04 10.46 15.66
N THR A 71 5.35 11.56 16.32
CA THR A 71 6.22 12.64 15.86
C THR A 71 7.19 12.87 17.03
N PHE A 72 8.46 12.56 16.75
CA PHE A 72 9.46 12.38 17.78
C PHE A 72 8.85 11.38 18.77
N GLU A 73 8.82 11.68 20.03
CA GLU A 73 8.28 10.70 20.96
C GLU A 73 6.85 11.06 21.37
N ASP A 74 6.20 11.97 20.65
CA ASP A 74 4.87 12.41 21.00
C ASP A 74 3.85 11.76 19.98
N CYS A 75 2.56 11.84 20.26
CA CYS A 75 1.53 11.39 19.32
C CYS A 75 1.27 12.45 18.31
N TRP A 76 0.91 12.07 17.08
CA TRP A 76 0.29 13.06 16.15
C TRP A 76 -1.13 13.41 16.65
N PRO A 77 -1.67 14.56 16.22
CA PRO A 77 -3.09 14.85 16.43
C PRO A 77 -3.90 13.70 15.89
N SER A 78 -4.98 13.35 16.61
CA SER A 78 -5.68 12.15 16.30
C SER A 78 -6.24 12.16 14.88
N GLU A 79 -6.49 13.34 14.34
CA GLU A 79 -7.05 13.35 13.02
C GLU A 79 -6.02 13.34 11.88
N LYS A 80 -4.75 13.37 12.14
CA LYS A 80 -3.80 13.45 11.07
C LYS A 80 -3.80 12.25 10.16
N ASP A 81 -3.76 12.54 8.86
CA ASP A 81 -3.83 11.51 7.84
C ASP A 81 -4.95 10.54 8.12
N GLY A 82 -6.05 11.06 8.65
CA GLY A 82 -7.25 10.26 8.79
C GLY A 82 -7.13 9.16 9.83
N GLY A 83 -6.18 9.31 10.74
CA GLY A 83 -5.89 8.31 11.75
C GLY A 83 -5.27 7.06 11.14
N ARG A 84 -4.72 7.17 9.94
CA ARG A 84 -4.13 6.00 9.29
C ARG A 84 -2.68 5.78 9.71
N HIS A 85 -2.14 6.46 10.71
CA HIS A 85 -0.83 6.03 11.24
C HIS A 85 -0.99 4.73 12.11
N PRO A 86 0.04 3.89 12.16
CA PRO A 86 0.00 2.75 13.10
C PRO A 86 -0.40 3.25 14.47
N VAL A 87 -1.22 2.53 15.21
CA VAL A 87 -1.49 2.94 16.59
C VAL A 87 -0.23 2.70 17.39
N THR A 88 0.04 3.61 18.32
CA THR A 88 1.21 3.53 19.22
C THR A 88 0.72 3.63 20.66
N ASN A 89 1.66 3.49 21.60
CA ASN A 89 1.35 3.63 23.01
C ASN A 89 0.26 2.65 23.43
N VAL A 90 0.46 1.45 22.96
CA VAL A 90 -0.36 0.28 23.30
C VAL A 90 0.49 -0.77 23.93
N SER A 91 0.03 -1.31 25.05
CA SER A 91 0.74 -2.36 25.74
C SER A 91 0.45 -3.72 25.09
N TRP A 92 1.14 -4.73 25.53
CA TRP A 92 0.91 -6.08 25.06
C TRP A 92 -0.51 -6.49 25.52
N TRP A 93 -0.89 -6.11 26.75
CA TRP A 93 -2.24 -6.43 27.22
C TRP A 93 -3.30 -5.77 26.31
N ASP A 94 -3.10 -4.50 25.98
CA ASP A 94 -3.97 -3.77 25.08
C ASP A 94 -4.08 -4.51 23.77
N ALA A 95 -2.95 -4.92 23.21
CA ALA A 95 -2.99 -5.63 21.95
C ALA A 95 -3.80 -6.95 21.99
N VAL A 96 -3.55 -7.78 23.02
CA VAL A 96 -4.25 -9.07 23.04
C VAL A 96 -5.74 -8.92 23.43
N ILE A 97 -6.11 -7.86 24.18
CA ILE A 97 -7.52 -7.57 24.47
C ILE A 97 -8.22 -7.04 23.22
N PHE A 98 -7.54 -6.14 22.49
CA PHE A 98 -7.96 -5.73 21.19
C PHE A 98 -8.21 -6.96 20.30
N ALA A 99 -7.27 -7.90 20.30
CA ALA A 99 -7.41 -9.09 19.51
C ALA A 99 -8.67 -9.87 19.89
N ASN A 100 -8.89 -10.02 21.20
CA ASN A 100 -10.15 -10.69 21.61
C ASN A 100 -11.41 -9.95 21.22
N ALA A 101 -11.40 -8.64 21.26
CA ALA A 101 -12.56 -7.86 20.94
C ALA A 101 -12.86 -7.98 19.45
N LEU A 102 -11.81 -8.02 18.66
CA LEU A 102 -11.98 -8.24 17.19
C LEU A 102 -12.52 -9.63 16.90
N SER A 103 -12.02 -10.62 17.63
CA SER A 103 -12.57 -11.96 17.50
C SER A 103 -14.08 -12.01 17.79
N ALA A 104 -14.48 -11.38 18.86
CA ALA A 104 -15.88 -11.34 19.24
C ALA A 104 -16.70 -10.67 18.15
N GLN A 105 -16.21 -9.51 17.70
CA GLN A 105 -16.83 -8.74 16.62
C GLN A 105 -17.05 -9.60 15.38
N HIS A 106 -16.13 -10.50 15.10
CA HIS A 106 -16.24 -11.29 13.92
C HIS A 106 -16.78 -12.64 14.29
N ASN A 107 -17.45 -12.70 15.44
CA ASN A 107 -17.99 -13.95 15.97
C ASN A 107 -16.99 -15.16 15.83
N LEU A 108 -15.76 -14.94 16.26
CA LEU A 108 -14.66 -15.99 16.35
C LEU A 108 -14.31 -16.35 17.79
N GLN A 109 -13.62 -17.45 18.02
CA GLN A 109 -13.33 -17.86 19.42
C GLN A 109 -12.08 -17.16 20.00
N PRO A 110 -12.12 -16.70 21.24
CA PRO A 110 -10.92 -16.00 21.74
C PRO A 110 -9.69 -16.88 22.03
N TYR A 111 -8.53 -16.39 21.57
CA TYR A 111 -7.30 -17.09 21.79
C TYR A 111 -6.76 -16.85 23.21
N TYR A 112 -6.92 -15.63 23.75
CA TYR A 112 -6.39 -15.33 25.06
C TYR A 112 -7.54 -15.48 26.10
N VAL A 113 -7.35 -16.31 27.08
CA VAL A 113 -8.47 -16.51 28.10
C VAL A 113 -7.93 -16.48 29.51
N THR A 114 -8.79 -16.11 30.45
CA THR A 114 -8.42 -16.18 31.86
C THR A 114 -8.36 -17.66 32.30
N ALA A 115 -7.99 -17.90 33.54
CA ALA A 115 -7.77 -19.26 33.97
C ALA A 115 -9.06 -19.96 33.92
N ASP A 116 -10.17 -19.25 34.16
CA ASP A 116 -11.52 -19.90 34.08
C ASP A 116 -11.99 -20.19 32.66
N GLY A 117 -11.20 -19.90 31.62
CA GLY A 117 -11.48 -20.37 30.24
C GLY A 117 -12.21 -19.40 29.38
N GLN A 118 -12.53 -18.31 29.92
CA GLN A 118 -13.17 -17.35 29.13
C GLN A 118 -12.25 -16.26 28.67
N ALA A 119 -12.88 -15.34 27.90
CA ALA A 119 -12.15 -14.33 27.12
C ALA A 119 -11.52 -13.33 28.04
N LEU A 120 -10.22 -13.10 27.85
CA LEU A 120 -9.56 -12.02 28.54
C LEU A 120 -10.11 -10.66 28.09
N LYS A 121 -10.64 -9.87 29.02
CA LYS A 121 -11.22 -8.58 28.63
C LYS A 121 -10.56 -7.42 29.29
N ILE A 122 -9.87 -7.70 30.42
CA ILE A 122 -9.29 -6.69 31.32
C ILE A 122 -7.90 -7.16 31.67
N PRO A 123 -6.91 -6.25 31.73
CA PRO A 123 -5.56 -6.72 32.11
C PRO A 123 -5.57 -7.27 33.54
N PRO A 124 -4.88 -8.37 33.79
CA PRO A 124 -4.88 -9.06 35.05
C PRO A 124 -4.24 -8.24 36.10
N GLU A 125 -4.76 -8.34 37.31
CA GLU A 125 -4.16 -7.63 38.41
C GLU A 125 -2.86 -8.32 38.75
N GLU A 126 -1.99 -7.50 39.30
CA GLU A 126 -0.63 -7.87 39.57
C GLU A 126 -0.64 -9.19 40.32
N GLY A 127 0.23 -10.11 39.92
CA GLY A 127 0.21 -11.51 40.40
C GLY A 127 -0.57 -12.45 39.51
N THR A 128 -1.90 -12.21 39.38
CA THR A 128 -2.85 -13.09 38.65
C THR A 128 -2.56 -13.25 37.16
N ASP A 129 -1.55 -12.51 36.71
CA ASP A 129 -0.92 -12.61 35.41
C ASP A 129 -0.74 -14.04 34.93
N ARG A 130 -0.40 -14.93 35.84
CA ARG A 130 0.25 -16.19 35.47
C ARG A 130 -0.78 -17.25 35.19
N GLY A 131 -2.02 -16.96 35.52
CA GLY A 131 -3.11 -17.88 35.18
C GLY A 131 -3.74 -17.73 33.81
N ILE A 132 -3.21 -16.80 32.97
CA ILE A 132 -3.77 -16.50 31.70
C ILE A 132 -3.34 -17.62 30.77
N ARG A 133 -4.25 -18.10 29.92
CA ARG A 133 -3.98 -19.26 29.08
C ARG A 133 -4.16 -18.85 27.60
N GLU A 134 -3.58 -19.63 26.72
CA GLU A 134 -3.70 -19.47 25.30
C GLU A 134 -4.40 -20.73 24.80
N ASN A 135 -5.40 -20.54 23.96
CA ASN A 135 -6.19 -21.64 23.46
C ASN A 135 -5.78 -21.93 22.03
N PRO A 136 -4.90 -22.91 21.86
CA PRO A 136 -4.41 -23.23 20.51
C PRO A 136 -5.48 -23.72 19.54
N GLN A 137 -6.65 -24.16 20.01
CA GLN A 137 -7.74 -24.53 19.10
C GLN A 137 -8.64 -23.38 18.73
N ALA A 138 -8.43 -22.20 19.30
CA ALA A 138 -9.34 -21.07 18.99
C ALA A 138 -9.15 -20.58 17.57
N SER A 139 -10.22 -20.11 16.96
CA SER A 139 -10.16 -19.58 15.58
C SER A 139 -9.88 -18.05 15.53
N GLY A 140 -9.73 -17.39 16.69
CA GLY A 140 -9.70 -15.92 16.75
C GLY A 140 -8.37 -15.32 16.46
N TYR A 141 -8.36 -13.99 16.40
CA TYR A 141 -7.12 -13.24 16.18
C TYR A 141 -6.18 -13.32 17.40
N ARG A 142 -4.87 -13.21 17.13
CA ARG A 142 -3.87 -13.18 18.16
C ARG A 142 -2.65 -12.48 17.59
N LEU A 143 -1.68 -12.26 18.45
CA LEU A 143 -0.33 -11.82 18.01
C LEU A 143 0.42 -12.98 17.38
N PRO A 144 1.26 -12.67 16.36
CA PRO A 144 2.06 -13.70 15.71
C PRO A 144 3.12 -14.24 16.59
N THR A 145 3.47 -15.52 16.42
CA THR A 145 4.66 -16.07 17.02
C THR A 145 5.91 -15.47 16.31
N LEU A 146 7.08 -15.67 16.91
CA LEU A 146 8.35 -15.23 16.29
C LEU A 146 8.58 -15.90 14.94
N ALA A 147 8.34 -17.20 14.87
CA ALA A 147 8.44 -17.90 13.59
C ALA A 147 7.47 -17.34 12.54
N GLU A 148 6.21 -17.14 12.89
CA GLU A 148 5.23 -16.59 11.97
C GLU A 148 5.65 -15.20 11.46
N TRP A 149 6.07 -14.33 12.39
CA TRP A 149 6.33 -12.99 12.06
C TRP A 149 7.57 -12.93 11.11
N GLN A 150 8.63 -13.61 11.50
CA GLN A 150 9.84 -13.72 10.70
C GLN A 150 9.59 -14.30 9.32
N VAL A 151 8.88 -15.42 9.26
CA VAL A 151 8.60 -15.99 7.96
C VAL A 151 7.80 -15.04 7.11
N ALA A 152 6.80 -14.42 7.71
CA ALA A 152 6.00 -13.45 6.94
C ALA A 152 6.86 -12.28 6.44
N ALA A 153 7.74 -11.79 7.30
CA ALA A 153 8.63 -10.64 6.95
C ALA A 153 9.53 -11.01 5.77
N ARG A 154 9.98 -12.23 5.76
CA ARG A 154 10.83 -12.74 4.68
C ARG A 154 10.07 -13.11 3.38
N GLY A 155 8.74 -13.05 3.39
CA GLY A 155 7.94 -13.34 2.22
C GLY A 155 7.45 -14.77 2.08
N GLY A 156 7.72 -15.60 3.06
CA GLY A 156 7.25 -16.98 3.02
C GLY A 156 7.66 -17.71 1.77
N ASN A 157 6.76 -18.55 1.29
CA ASN A 157 6.98 -19.30 0.08
C ASN A 157 7.15 -18.42 -1.14
N LYS A 158 6.53 -17.23 -1.12
CA LYS A 158 6.65 -16.36 -2.28
C LYS A 158 8.03 -15.79 -2.33
N GLY A 159 8.57 -15.47 -1.17
CA GLY A 159 9.94 -14.98 -1.11
C GLY A 159 10.93 -16.04 -1.48
N LEU A 160 10.66 -17.28 -1.05
CA LEU A 160 11.49 -18.38 -1.43
C LEU A 160 11.47 -18.53 -2.94
N SER A 161 10.30 -18.40 -3.54
CA SER A 161 10.13 -18.62 -4.97
C SER A 161 10.80 -17.48 -5.77
N ASP A 162 10.75 -16.24 -5.24
CA ASP A 162 11.22 -15.14 -6.10
C ASP A 162 12.59 -14.67 -5.71
N GLY A 163 13.18 -15.34 -4.73
CA GLY A 163 14.56 -15.08 -4.34
C GLY A 163 14.76 -13.91 -3.37
N THR A 164 13.72 -13.37 -2.74
CA THR A 164 13.87 -12.28 -1.81
C THR A 164 13.84 -12.72 -0.35
N TYR A 165 13.78 -14.02 -0.10
CA TYR A 165 13.71 -14.55 1.23
C TYR A 165 14.92 -14.18 2.04
N GLY A 166 16.04 -13.97 1.35
CA GLY A 166 17.27 -13.59 2.01
C GLY A 166 17.47 -12.07 2.17
N SER A 167 16.46 -11.27 1.82
CA SER A 167 16.53 -9.82 1.99
C SER A 167 16.65 -9.45 3.43
N ARG A 168 17.60 -8.59 3.66
CA ARG A 168 17.84 -8.12 5.00
C ARG A 168 16.65 -7.29 5.54
N TYR A 169 15.94 -6.55 4.72
CA TYR A 169 14.75 -5.93 5.22
C TYR A 169 13.60 -6.50 4.43
N ALA A 170 12.37 -6.25 4.88
CA ALA A 170 11.19 -6.91 4.24
C ALA A 170 11.07 -6.43 2.83
N GLY A 171 11.27 -7.35 1.89
CA GLY A 171 11.06 -7.11 0.48
C GLY A 171 12.31 -6.79 -0.28
N LYS A 172 13.26 -6.23 0.40
CA LYS A 172 14.45 -5.71 -0.28
C LYS A 172 15.64 -5.54 0.65
N ASP A 173 16.86 -5.72 0.07
CA ASP A 173 18.04 -5.84 0.89
C ASP A 173 18.48 -4.45 1.38
N GLN A 174 17.98 -3.42 0.68
CA GLN A 174 18.21 -2.03 1.02
C GLN A 174 16.97 -1.34 1.57
N PRO A 175 17.10 -0.61 2.72
CA PRO A 175 15.87 -0.27 3.54
C PRO A 175 15.07 0.91 3.12
N ALA A 176 15.66 1.92 2.48
CA ALA A 176 14.89 3.14 2.23
C ALA A 176 13.59 2.97 1.47
N SER A 177 13.52 2.02 0.55
CA SER A 177 12.34 1.93 -0.30
C SER A 177 11.22 1.17 0.38
N VAL A 178 11.59 0.46 1.44
CA VAL A 178 10.61 -0.48 2.09
C VAL A 178 10.32 -0.18 3.56
N ALA A 179 11.15 0.62 4.20
CA ALA A 179 11.09 0.70 5.67
C ALA A 179 11.28 2.12 6.15
N ASN A 180 10.36 2.56 7.01
CA ASN A 180 10.55 3.80 7.73
C ASN A 180 11.45 3.55 8.97
N LEU A 181 12.77 3.69 8.78
CA LEU A 181 13.77 3.41 9.81
C LEU A 181 14.72 4.56 9.73
N PRO A 182 15.38 4.94 10.83
CA PRO A 182 16.42 6.00 10.69
C PRO A 182 17.51 5.57 9.75
N VAL A 183 17.90 6.56 9.02
CA VAL A 183 18.88 6.46 7.99
C VAL A 183 19.91 7.55 8.27
N SER A 184 21.13 7.37 7.74
CA SER A 184 22.22 8.37 7.82
C SER A 184 21.70 9.77 7.58
N GLY A 185 21.94 10.66 8.52
CA GLY A 185 21.57 12.04 8.34
C GLY A 185 20.05 12.31 8.46
N THR A 186 19.24 11.36 8.93
CA THR A 186 17.80 11.67 9.05
C THR A 186 17.54 12.98 9.79
N GLN A 187 16.61 13.80 9.29
CA GLN A 187 16.24 15.03 9.94
C GLN A 187 14.87 14.95 10.57
N THR A 188 14.18 13.86 10.34
CA THR A 188 12.81 13.71 10.83
C THR A 188 12.61 12.38 11.48
N PHE A 189 11.82 12.36 12.55
CA PHE A 189 11.59 11.09 13.20
C PHE A 189 10.08 11.02 13.41
N SER A 190 9.38 10.34 12.54
CA SER A 190 7.95 10.22 12.73
C SER A 190 7.46 9.00 12.01
N THR A 191 6.29 8.52 12.44
CA THR A 191 5.62 7.48 11.71
C THR A 191 5.06 8.10 10.41
N LEU A 192 4.75 7.19 9.50
CA LEU A 192 4.04 7.47 8.25
C LEU A 192 2.74 6.70 8.28
N PRO A 193 1.70 7.22 7.54
CA PRO A 193 0.50 6.38 7.27
C PRO A 193 0.92 5.00 6.80
N VAL A 194 0.21 3.95 7.27
CA VAL A 194 0.61 2.61 6.96
C VAL A 194 0.62 2.48 5.41
N ALA A 195 1.52 1.60 4.93
CA ALA A 195 1.66 1.27 3.50
C ALA A 195 2.06 2.45 2.66
N SER A 196 2.92 3.29 3.22
CA SER A 196 3.58 4.37 2.45
C SER A 196 4.82 3.94 1.65
N LYS A 197 5.38 2.78 1.98
CA LYS A 197 6.59 2.23 1.31
C LYS A 197 6.23 0.96 0.58
N GLN A 198 7.22 0.32 -0.03
CA GLN A 198 6.95 -0.81 -0.90
C GLN A 198 6.74 -2.08 -0.07
N PRO A 199 5.88 -2.99 -0.57
CA PRO A 199 5.59 -4.21 0.15
C PRO A 199 6.64 -5.28 -0.03
N ASN A 200 6.51 -6.38 0.71
CA ASN A 200 7.30 -7.57 0.45
C ASN A 200 6.54 -8.49 -0.46
N SER A 201 7.11 -9.67 -0.68
CA SER A 201 6.59 -10.58 -1.71
C SER A 201 5.27 -11.18 -1.34
N LEU A 202 4.85 -11.06 -0.07
CA LEU A 202 3.50 -11.46 0.36
C LEU A 202 2.50 -10.35 0.27
N GLY A 203 2.94 -9.16 -0.10
CA GLY A 203 2.03 -8.00 -0.18
C GLY A 203 1.85 -7.33 1.18
N LEU A 204 2.75 -7.61 2.10
CA LEU A 204 2.69 -6.96 3.43
C LEU A 204 3.49 -5.65 3.45
N TYR A 205 2.99 -4.69 4.21
CA TYR A 205 3.63 -3.34 4.38
C TYR A 205 4.17 -3.13 5.76
N ASP A 206 5.33 -2.46 5.83
CA ASP A 206 5.91 -2.00 7.09
C ASP A 206 6.32 -3.11 8.05
N MET A 207 6.62 -4.30 7.59
CA MET A 207 7.17 -5.31 8.50
C MET A 207 8.53 -4.84 9.01
N SER A 208 9.27 -4.14 8.15
CA SER A 208 10.46 -3.39 8.60
C SER A 208 10.06 -1.97 8.76
N GLY A 209 10.36 -1.40 9.92
CA GLY A 209 10.15 -0.03 10.22
C GLY A 209 8.74 0.40 10.61
N ASN A 210 8.59 1.71 10.71
CA ASN A 210 7.37 2.48 11.05
C ASN A 210 7.13 2.31 12.56
N VAL A 211 6.39 1.31 13.00
CA VAL A 211 6.52 0.87 14.42
C VAL A 211 7.03 -0.55 14.55
N SER A 212 7.74 -0.85 15.63
CA SER A 212 8.09 -2.16 15.97
C SER A 212 6.77 -2.89 16.37
N GLU A 213 6.81 -4.21 16.40
CA GLU A 213 5.52 -5.00 16.51
C GLU A 213 5.58 -6.05 17.54
N TRP A 214 4.62 -5.99 18.49
CA TRP A 214 4.57 -6.96 19.52
C TRP A 214 4.33 -8.34 18.97
N LEU A 215 4.93 -9.34 19.61
CA LEU A 215 4.69 -10.76 19.28
C LEU A 215 4.04 -11.47 20.43
N ASN A 216 3.53 -12.66 20.10
CA ASN A 216 3.02 -13.61 21.12
C ASN A 216 4.13 -14.24 21.89
N GLU A 217 5.35 -14.15 21.33
CA GLU A 217 6.45 -14.89 21.83
C GLU A 217 6.92 -14.43 23.17
N ASN A 218 6.91 -15.36 24.15
CA ASN A 218 7.36 -15.14 25.54
C ASN A 218 8.90 -15.19 25.63
N TYR A 219 9.46 -14.36 26.46
CA TYR A 219 10.87 -14.42 26.83
C TYR A 219 10.92 -14.69 28.35
N ALA A 220 11.39 -15.86 28.73
CA ALA A 220 11.35 -16.31 30.13
C ALA A 220 12.29 -15.49 31.04
N VAL A 221 11.80 -15.04 32.19
CA VAL A 221 12.63 -14.31 33.14
C VAL A 221 12.28 -14.69 34.57
N LYS A 222 13.22 -14.46 35.45
CA LYS A 222 12.98 -14.65 36.87
C LYS A 222 12.18 -13.47 37.41
N GLY A 223 11.26 -13.81 38.31
CA GLY A 223 10.51 -12.82 39.09
C GLY A 223 9.03 -12.75 38.80
N GLY A 224 8.41 -11.63 39.15
CA GLY A 224 6.94 -11.53 39.10
C GLY A 224 6.46 -11.11 37.73
N LYS A 225 7.39 -10.61 36.96
CA LYS A 225 7.00 -10.19 35.65
C LYS A 225 7.26 -11.18 34.41
N LYS A 226 6.35 -11.21 33.35
CA LYS A 226 6.47 -11.79 31.95
C LYS A 226 7.19 -10.79 31.07
N MET A 227 7.77 -11.27 30.02
CA MET A 227 8.27 -10.38 28.94
C MET A 227 7.96 -10.99 27.58
N TYR A 228 7.75 -10.11 26.57
CA TYR A 228 7.36 -10.54 25.24
C TYR A 228 8.26 -9.82 24.23
N TYR A 229 8.51 -10.52 23.14
CA TYR A 229 9.30 -9.92 22.03
C TYR A 229 8.50 -8.85 21.26
N PHE A 230 9.25 -7.91 20.67
CA PHE A 230 8.72 -7.09 19.66
C PHE A 230 9.84 -6.98 18.59
N CYS A 231 9.44 -6.91 17.35
CA CYS A 231 10.40 -7.00 16.22
C CYS A 231 10.17 -5.98 15.13
N GLY A 232 11.23 -5.83 14.32
CA GLY A 232 11.13 -5.23 13.04
C GLY A 232 11.67 -3.82 12.86
N GLY A 233 11.99 -3.16 13.96
CA GLY A 233 12.44 -1.77 14.00
C GLY A 233 11.33 -0.77 13.80
N SER A 234 11.66 0.49 13.98
CA SER A 234 10.71 1.54 13.97
C SER A 234 11.31 2.83 13.40
N TYR A 235 10.48 3.86 13.28
CA TYR A 235 10.95 5.16 12.83
C TYR A 235 12.07 5.76 13.70
N MET A 236 12.19 5.32 14.97
CA MET A 236 13.31 5.77 15.84
C MET A 236 14.21 4.67 16.31
N ASP A 237 13.98 3.45 15.85
CA ASP A 237 14.80 2.29 16.24
C ASP A 237 15.45 1.61 15.05
N ARG A 238 16.69 2.01 14.76
CA ARG A 238 17.45 1.49 13.67
C ARG A 238 17.77 0.04 13.97
N VAL A 239 17.50 -0.83 13.05
CA VAL A 239 17.86 -2.26 13.24
C VAL A 239 18.65 -2.69 12.02
N GLY A 240 19.42 -3.74 12.16
CA GLY A 240 20.26 -4.22 11.07
C GLY A 240 19.59 -5.13 10.09
N SER A 241 18.46 -5.69 10.48
CA SER A 241 17.73 -6.58 9.66
C SER A 241 16.32 -6.85 10.33
N LEU A 242 15.51 -7.54 9.60
CA LEU A 242 14.23 -8.02 10.09
C LEU A 242 14.36 -9.06 11.25
N ALA A 243 15.55 -9.65 11.45
CA ALA A 243 15.75 -10.54 12.61
C ALA A 243 16.00 -9.85 13.95
N SER A 244 16.05 -8.52 14.01
CA SER A 244 16.35 -7.81 15.24
CA SER A 244 16.38 -7.84 15.25
C SER A 244 15.10 -7.64 16.06
N CYS A 245 15.10 -8.17 17.29
CA CYS A 245 13.96 -8.00 18.18
C CYS A 245 14.51 -7.61 19.52
N ASP A 246 13.62 -7.19 20.40
CA ASP A 246 13.99 -6.94 21.74
C ASP A 246 12.74 -7.31 22.57
N VAL A 247 12.77 -7.05 23.86
CA VAL A 247 11.69 -7.53 24.77
C VAL A 247 11.24 -6.43 25.75
N HIS A 248 9.98 -6.51 26.19
CA HIS A 248 9.48 -5.64 27.25
C HIS A 248 8.43 -6.43 28.07
N THR A 249 8.20 -5.97 29.29
CA THR A 249 7.05 -6.52 30.05
C THR A 249 5.69 -6.13 29.38
N PRO A 250 4.60 -6.96 29.62
CA PRO A 250 3.40 -6.77 28.86
C PRO A 250 2.65 -5.51 29.19
N GLY A 251 2.95 -4.87 30.34
CA GLY A 251 2.29 -3.67 30.69
C GLY A 251 2.93 -2.41 30.11
N PHE A 252 4.04 -2.59 29.43
CA PHE A 252 4.83 -1.46 28.85
C PHE A 252 4.25 -1.00 27.54
N ALA A 253 4.43 0.30 27.22
CA ALA A 253 3.96 0.88 25.95
C ALA A 253 4.86 2.01 25.61
N MET A 254 4.98 2.32 24.33
CA MET A 254 5.89 3.38 23.91
C MET A 254 5.47 3.95 22.58
N SER A 255 6.09 5.10 22.18
CA SER A 255 5.61 5.79 20.98
C SER A 255 5.96 5.07 19.71
N ASP A 256 6.86 4.09 19.78
CA ASP A 256 7.27 3.37 18.56
C ASP A 256 6.99 1.88 18.52
N ILE A 257 6.06 1.40 19.35
CA ILE A 257 5.70 -0.01 19.36
C ILE A 257 4.20 -0.01 19.13
N GLY A 258 3.87 -0.76 18.10
CA GLY A 258 2.46 -1.16 17.76
C GLY A 258 2.33 -2.66 17.58
N PHE A 259 1.44 -3.04 16.67
CA PHE A 259 1.17 -4.48 16.45
C PHE A 259 0.34 -4.70 15.19
N ARG A 260 0.39 -5.93 14.75
CA ARG A 260 -0.50 -6.47 13.78
C ARG A 260 -0.91 -7.89 14.24
N LEU A 261 -2.04 -8.36 13.73
CA LEU A 261 -2.55 -9.64 14.16
C LEU A 261 -2.57 -10.74 13.09
N VAL A 262 -2.59 -11.97 13.58
CA VAL A 262 -2.78 -13.11 12.77
C VAL A 262 -4.03 -13.90 13.23
N ARG A 263 -4.47 -14.78 12.33
CA ARG A 263 -5.45 -15.83 12.74
C ARG A 263 -5.20 -17.12 11.95
N PRO A 264 -5.49 -18.30 12.53
CA PRO A 264 -5.22 -19.55 11.84
C PRO A 264 -6.16 -19.71 10.65
N ILE A 265 -5.74 -20.46 9.64
CA ILE A 265 -6.70 -20.86 8.62
C ILE A 265 -6.83 -22.38 8.69
N ASP A 266 -8.06 -22.85 8.73
CA ASP A 266 -8.36 -24.26 9.15
C ASP A 266 -8.27 -25.28 8.04
N ILE B 2 -3.09 17.99 3.71
CA ILE B 2 -2.56 17.42 2.41
C ILE B 2 -2.63 15.88 2.24
N LEU B 3 -2.94 15.47 1.02
CA LEU B 3 -2.90 14.10 0.60
C LEU B 3 -1.41 13.90 0.29
N PRO B 4 -0.77 12.97 0.97
CA PRO B 4 0.65 12.74 0.61
C PRO B 4 0.74 11.90 -0.65
N ILE B 5 1.68 12.20 -1.55
CA ILE B 5 1.78 11.50 -2.84
C ILE B 5 3.12 10.84 -2.99
N ASP B 6 3.13 9.58 -3.40
CA ASP B 6 4.35 8.81 -3.60
C ASP B 6 4.69 8.96 -5.09
N GLU B 7 5.66 9.85 -5.37
CA GLU B 7 6.05 10.19 -6.72
C GLU B 7 7.43 9.65 -7.01
N VAL B 8 7.64 9.24 -8.24
CA VAL B 8 8.95 8.75 -8.70
C VAL B 8 9.46 9.71 -9.74
N ASN B 9 10.71 10.16 -9.57
CA ASN B 9 11.32 11.10 -10.56
C ASN B 9 11.77 10.39 -11.78
N VAL B 10 11.31 10.89 -12.93
CA VAL B 10 11.70 10.31 -14.21
C VAL B 10 12.56 11.36 -14.91
N ASP B 11 13.81 11.02 -15.07
CA ASP B 11 14.78 11.88 -15.81
C ASP B 11 14.33 12.12 -17.21
N GLY B 12 14.57 13.34 -17.67
CA GLY B 12 14.25 13.65 -19.05
C GLY B 12 15.30 13.06 -19.99
N GLY B 13 15.05 13.32 -21.28
CA GLY B 13 15.89 12.82 -22.33
C GLY B 13 15.20 12.69 -23.67
N ASP B 14 15.79 11.87 -24.54
CA ASP B 14 15.25 11.54 -25.89
C ASP B 14 15.01 10.03 -25.94
N PHE B 15 13.75 9.66 -26.18
CA PHE B 15 13.29 8.31 -26.03
C PHE B 15 12.48 7.89 -27.26
N TYR B 16 12.48 6.58 -27.51
CA TYR B 16 11.60 5.97 -28.49
C TYR B 16 10.19 5.69 -27.87
N VAL B 17 9.16 6.22 -28.52
CA VAL B 17 7.76 5.92 -28.18
C VAL B 17 7.17 5.33 -29.46
N GLY B 18 6.61 4.15 -29.36
CA GLY B 18 5.93 3.59 -30.53
C GLY B 18 5.53 2.17 -30.25
N LEU B 19 5.34 1.46 -31.32
CA LEU B 19 4.81 0.11 -31.28
C LEU B 19 5.86 -0.96 -31.27
N VAL B 20 7.13 -0.63 -31.43
CA VAL B 20 8.17 -1.67 -31.49
C VAL B 20 8.57 -2.16 -30.10
N PHE B 21 8.72 -3.49 -29.99
CA PHE B 21 9.18 -4.12 -28.75
C PHE B 21 10.31 -5.10 -29.06
N GLY B 22 10.97 -5.57 -28.01
CA GLY B 22 12.03 -6.57 -28.13
C GLY B 22 13.41 -6.03 -27.94
N LYS B 23 14.42 -6.88 -28.09
CA LYS B 23 15.80 -6.39 -27.82
C LYS B 23 16.22 -5.46 -28.94
N GLU B 24 16.36 -4.17 -28.64
CA GLU B 24 16.77 -3.25 -29.69
C GLU B 24 17.65 -2.20 -29.07
N ASP B 25 18.37 -1.48 -29.92
CA ASP B 25 19.07 -0.26 -29.54
C ASP B 25 18.07 0.91 -29.73
N TYR B 26 17.20 1.16 -28.72
CA TYR B 26 16.14 2.16 -28.86
C TYR B 26 16.65 3.61 -29.05
N ALA B 27 17.80 3.90 -28.50
CA ALA B 27 18.42 5.22 -28.65
C ALA B 27 18.60 5.55 -30.08
N ALA B 28 19.03 4.55 -30.83
CA ALA B 28 19.29 4.73 -32.24
C ALA B 28 18.01 4.99 -33.03
N HIS B 29 16.82 4.85 -32.42
CA HIS B 29 15.56 5.29 -33.01
C HIS B 29 14.73 6.25 -32.16
N ALA B 30 15.35 6.99 -31.25
CA ALA B 30 14.61 7.96 -30.43
C ALA B 30 13.82 8.97 -31.22
N ASN B 31 12.64 9.32 -30.70
CA ASN B 31 11.74 10.17 -31.45
C ASN B 31 10.87 11.14 -30.63
N THR B 32 11.09 11.23 -29.31
CA THR B 32 10.37 12.20 -28.48
C THR B 32 11.31 12.78 -27.46
N HIS B 33 11.17 14.04 -27.18
CA HIS B 33 11.97 14.67 -26.22
C HIS B 33 11.12 14.92 -24.96
N LEU B 34 11.62 14.48 -23.81
CA LEU B 34 10.90 14.74 -22.56
C LEU B 34 11.73 15.53 -21.60
N THR B 35 11.09 16.51 -20.97
CA THR B 35 11.67 17.21 -19.81
C THR B 35 11.35 16.43 -18.53
N PRO B 36 12.12 16.64 -17.43
CA PRO B 36 11.91 15.73 -16.29
C PRO B 36 10.56 15.92 -15.62
N PHE B 37 10.02 14.83 -15.06
CA PHE B 37 8.74 14.87 -14.40
C PHE B 37 8.68 13.76 -13.38
N SER B 38 7.82 13.93 -12.40
CA SER B 38 7.55 12.90 -11.46
C SER B 38 6.21 12.24 -11.82
N ILE B 39 6.09 10.98 -11.46
CA ILE B 39 4.88 10.24 -11.72
C ILE B 39 4.51 9.38 -10.51
N MET B 40 3.23 9.25 -10.28
CA MET B 40 2.76 8.42 -9.13
C MET B 40 3.15 6.95 -9.29
N ARG B 41 3.61 6.40 -8.19
CA ARG B 41 4.11 5.04 -8.20
C ARG B 41 3.00 4.02 -8.54
N THR B 42 1.83 4.37 -8.11
CA THR B 42 0.60 3.60 -8.40
C THR B 42 -0.53 4.44 -8.99
N GLU B 43 -1.51 3.73 -9.52
CA GLU B 43 -2.80 4.29 -9.79
C GLU B 43 -3.32 5.00 -8.51
N VAL B 44 -4.06 6.07 -8.68
CA VAL B 44 -4.70 6.73 -7.54
C VAL B 44 -5.69 5.71 -6.92
N THR B 45 -5.64 5.57 -5.59
CA THR B 45 -6.51 4.62 -4.91
C THR B 45 -7.82 5.30 -4.56
N TYR B 46 -8.83 4.45 -4.29
CA TYR B 46 -10.11 4.94 -3.81
C TYR B 46 -9.97 5.69 -2.52
N HIS B 47 -9.16 5.20 -1.61
CA HIS B 47 -8.97 5.95 -0.36
C HIS B 47 -8.41 7.37 -0.58
N GLN B 48 -7.42 7.48 -1.46
CA GLN B 48 -6.92 8.80 -1.83
C GLN B 48 -8.01 9.66 -2.46
N TYR B 49 -8.78 9.06 -3.35
CA TYR B 49 -9.75 9.79 -4.09
C TYR B 49 -10.85 10.31 -3.18
N GLN B 50 -11.36 9.45 -2.31
CA GLN B 50 -12.50 9.92 -1.46
C GLN B 50 -12.03 11.02 -0.44
N ALA B 51 -10.79 10.90 0.02
CA ALA B 51 -10.20 11.92 0.92
C ALA B 51 -10.05 13.24 0.23
N LEU B 52 -9.55 13.22 -0.98
CA LEU B 52 -9.42 14.45 -1.72
C LEU B 52 -10.78 15.01 -2.10
N GLN B 53 -11.73 14.15 -2.50
CA GLN B 53 -13.07 14.60 -2.88
C GLN B 53 -13.77 15.31 -1.72
N ALA B 54 -13.64 14.74 -0.54
CA ALA B 54 -14.25 15.37 0.66
C ALA B 54 -13.64 16.76 0.93
N TRP B 55 -12.32 16.89 0.77
CA TRP B 55 -11.66 18.19 0.97
C TRP B 55 -12.15 19.20 -0.11
N ALA B 56 -12.12 18.73 -1.34
CA ALA B 56 -12.42 19.57 -2.49
C ALA B 56 -13.89 20.00 -2.59
N GLU B 57 -14.82 19.14 -2.18
CA GLU B 57 -16.26 19.44 -2.38
C GLU B 57 -16.75 20.68 -1.57
N THR B 58 -16.11 20.95 -0.43
CA THR B 58 -16.46 22.12 0.37
C THR B 58 -15.65 23.35 -0.04
N ARG B 59 -14.77 23.20 -1.01
CA ARG B 59 -13.95 24.30 -1.59
C ARG B 59 -14.30 24.56 -3.08
N GLY B 60 -15.47 24.10 -3.49
CA GLY B 60 -16.02 24.48 -4.80
C GLY B 60 -15.65 23.57 -5.95
N TYR B 61 -15.00 22.44 -5.67
CA TYR B 61 -14.68 21.50 -6.74
C TYR B 61 -15.81 20.50 -6.88
N GLN B 62 -16.19 20.20 -8.13
CA GLN B 62 -17.25 19.16 -8.32
C GLN B 62 -16.67 18.00 -9.02
N ILE B 63 -16.39 16.95 -8.26
CA ILE B 63 -16.00 15.69 -8.87
C ILE B 63 -16.82 14.58 -8.29
N SER B 64 -17.00 13.52 -9.13
CA SER B 64 -18.03 12.44 -8.94
C SER B 64 -17.87 11.13 -8.11
N GLY B 65 -17.18 11.09 -6.98
CA GLY B 65 -17.41 9.90 -6.12
C GLY B 65 -16.43 8.80 -6.35
N GLY B 66 -16.42 8.25 -7.58
CA GLY B 66 -15.62 7.03 -7.83
C GLY B 66 -15.96 5.85 -6.92
N CYS B 67 -15.29 4.74 -7.13
CA CYS B 67 -15.55 3.43 -6.47
C CYS B 67 -14.28 2.87 -6.09
N ASN B 68 -14.38 1.90 -5.18
CA ASN B 68 -13.27 1.11 -4.79
C ASN B 68 -13.09 -0.04 -5.77
N GLY B 69 -12.22 0.20 -6.77
CA GLY B 69 -11.89 -0.84 -7.72
C GLY B 69 -13.11 -1.42 -8.43
N ALA B 70 -13.00 -2.71 -8.74
CA ALA B 70 -14.10 -3.45 -9.39
C ALA B 70 -14.10 -4.92 -9.20
N THR B 71 -15.34 -5.49 -9.16
CA THR B 71 -15.58 -6.90 -9.24
C THR B 71 -16.61 -7.10 -10.33
N PHE B 72 -16.21 -7.84 -11.38
CA PHE B 72 -16.92 -7.79 -12.67
C PHE B 72 -17.09 -6.33 -13.09
N GLU B 73 -18.30 -5.85 -13.34
CA GLU B 73 -18.46 -4.45 -13.72
C GLU B 73 -19.01 -3.61 -12.56
N ASP B 74 -19.05 -4.17 -11.35
CA ASP B 74 -19.57 -3.45 -10.18
C ASP B 74 -18.38 -2.93 -9.30
N CYS B 75 -18.66 -2.03 -8.38
CA CYS B 75 -17.66 -1.59 -7.37
C CYS B 75 -17.52 -2.64 -6.32
N TRP B 76 -16.32 -2.78 -5.77
CA TRP B 76 -16.15 -3.45 -4.46
C TRP B 76 -16.79 -2.58 -3.38
N PRO B 77 -17.20 -3.19 -2.25
CA PRO B 77 -17.53 -2.28 -1.15
C PRO B 77 -16.39 -1.27 -0.83
N SER B 78 -16.76 -0.09 -0.40
CA SER B 78 -15.78 0.97 -0.19
C SER B 78 -14.70 0.63 0.85
N GLU B 79 -15.03 -0.24 1.83
CA GLU B 79 -14.08 -0.55 2.83
C GLU B 79 -13.12 -1.74 2.48
N LYS B 80 -13.36 -2.45 1.36
CA LYS B 80 -12.57 -3.63 1.02
C LYS B 80 -11.08 -3.33 0.85
N ASP B 81 -10.22 -4.17 1.46
CA ASP B 81 -8.75 -4.05 1.33
C ASP B 81 -8.30 -2.61 1.61
N GLY B 82 -8.93 -1.97 2.60
CA GLY B 82 -8.58 -0.64 3.06
C GLY B 82 -8.82 0.49 2.07
N GLY B 83 -9.65 0.28 1.06
CA GLY B 83 -9.86 1.31 0.03
C GLY B 83 -8.67 1.40 -0.91
N ARG B 84 -7.81 0.40 -0.87
CA ARG B 84 -6.52 0.51 -1.67
C ARG B 84 -6.60 -0.04 -3.07
N HIS B 85 -7.83 -0.38 -3.53
CA HIS B 85 -7.99 -0.63 -4.98
C HIS B 85 -7.88 0.69 -5.73
N PRO B 86 -7.46 0.63 -6.98
CA PRO B 86 -7.52 1.85 -7.82
C PRO B 86 -8.92 2.42 -7.85
N VAL B 87 -9.06 3.70 -7.76
CA VAL B 87 -10.36 4.34 -7.97
C VAL B 87 -10.84 4.06 -9.41
N THR B 88 -12.12 3.75 -9.57
CA THR B 88 -12.75 3.44 -10.87
C THR B 88 -14.01 4.32 -10.95
N ASN B 89 -14.68 4.29 -12.09
CA ASN B 89 -15.87 5.15 -12.33
C ASN B 89 -15.60 6.61 -12.16
N VAL B 90 -14.45 7.01 -12.69
CA VAL B 90 -14.03 8.40 -12.71
C VAL B 90 -13.82 8.82 -14.17
N SER B 91 -14.40 9.95 -14.52
CA SER B 91 -14.31 10.51 -15.88
C SER B 91 -12.98 11.26 -16.05
N TRP B 92 -12.66 11.62 -17.29
CA TRP B 92 -11.47 12.44 -17.53
C TRP B 92 -11.63 13.80 -16.79
N TRP B 93 -12.83 14.39 -16.84
CA TRP B 93 -13.07 15.61 -16.09
C TRP B 93 -12.83 15.44 -14.57
N ASP B 94 -13.27 14.32 -14.03
CA ASP B 94 -13.02 14.02 -12.62
C ASP B 94 -11.53 14.01 -12.35
N ALA B 95 -10.77 13.34 -13.22
CA ALA B 95 -9.35 13.20 -13.04
C ALA B 95 -8.62 14.57 -13.12
N VAL B 96 -8.94 15.41 -14.09
CA VAL B 96 -8.19 16.66 -14.18
C VAL B 96 -8.61 17.66 -13.10
N ILE B 97 -9.88 17.61 -12.62
CA ILE B 97 -10.35 18.47 -11.55
C ILE B 97 -9.71 17.96 -10.28
N PHE B 98 -9.67 16.66 -10.10
CA PHE B 98 -8.91 16.06 -8.95
C PHE B 98 -7.45 16.56 -8.98
N ALA B 99 -6.80 16.52 -10.17
CA ALA B 99 -5.44 17.04 -10.26
C ALA B 99 -5.36 18.49 -9.76
N ASN B 100 -6.29 19.34 -10.18
CA ASN B 100 -6.27 20.72 -9.77
C ASN B 100 -6.47 20.88 -8.28
N ALA B 101 -7.32 20.04 -7.70
CA ALA B 101 -7.60 20.10 -6.27
C ALA B 101 -6.37 19.72 -5.47
N LEU B 102 -5.68 18.71 -5.97
CA LEU B 102 -4.44 18.28 -5.39
C LEU B 102 -3.42 19.43 -5.50
N SER B 103 -3.34 20.07 -6.68
CA SER B 103 -2.45 21.26 -6.77
C SER B 103 -2.73 22.31 -5.71
N ALA B 104 -3.98 22.65 -5.57
CA ALA B 104 -4.40 23.68 -4.62
C ALA B 104 -4.10 23.25 -3.18
N GLN B 105 -4.41 21.99 -2.88
CA GLN B 105 -4.04 21.46 -1.56
C GLN B 105 -2.55 21.64 -1.21
N HIS B 106 -1.68 21.50 -2.21
CA HIS B 106 -0.23 21.61 -2.06
C HIS B 106 0.32 22.99 -2.44
N ASN B 107 -0.60 23.96 -2.60
CA ASN B 107 -0.27 25.33 -2.94
C ASN B 107 0.61 25.43 -4.17
N LEU B 108 0.25 24.60 -5.14
CA LEU B 108 0.81 24.66 -6.51
C LEU B 108 -0.12 25.36 -7.46
N GLN B 109 0.35 25.72 -8.66
CA GLN B 109 -0.49 26.38 -9.63
C GLN B 109 -1.22 25.34 -10.54
N PRO B 110 -2.50 25.59 -10.89
CA PRO B 110 -3.26 24.59 -11.65
C PRO B 110 -2.83 24.56 -13.11
N TYR B 111 -2.69 23.33 -13.62
CA TYR B 111 -2.39 23.06 -15.01
C TYR B 111 -3.64 23.26 -15.86
N TYR B 112 -4.81 22.85 -15.38
CA TYR B 112 -6.01 22.96 -16.20
C TYR B 112 -6.80 24.19 -15.84
N VAL B 113 -7.06 25.06 -16.79
CA VAL B 113 -7.63 26.39 -16.51
C VAL B 113 -8.68 26.76 -17.53
N THR B 114 -9.53 27.69 -17.13
CA THR B 114 -10.52 28.23 -18.05
C THR B 114 -9.80 29.33 -18.86
N ALA B 115 -10.50 29.94 -19.80
CA ALA B 115 -9.91 30.96 -20.70
C ALA B 115 -9.26 32.16 -20.04
N ASP B 116 -9.77 32.53 -18.86
CA ASP B 116 -9.20 33.61 -18.05
C ASP B 116 -7.94 33.23 -17.27
N GLY B 117 -7.61 31.94 -17.22
CA GLY B 117 -6.49 31.43 -16.41
C GLY B 117 -6.91 31.02 -15.01
N GLN B 118 -8.21 30.96 -14.77
CA GLN B 118 -8.68 30.43 -13.44
C GLN B 118 -8.62 28.90 -13.42
N ALA B 119 -8.39 28.35 -12.22
CA ALA B 119 -8.49 26.92 -12.05
C ALA B 119 -9.81 26.37 -12.51
N LEU B 120 -9.78 25.31 -13.30
CA LEU B 120 -11.01 24.57 -13.58
C LEU B 120 -11.42 23.78 -12.30
N LYS B 121 -12.64 24.00 -11.85
CA LYS B 121 -13.18 23.35 -10.63
C LYS B 121 -14.40 22.54 -10.92
N ILE B 122 -15.07 22.85 -12.04
CA ILE B 122 -16.34 22.22 -12.40
C ILE B 122 -16.28 21.80 -13.88
N PRO B 123 -16.82 20.61 -14.25
CA PRO B 123 -16.85 20.28 -15.69
C PRO B 123 -17.66 21.30 -16.48
N PRO B 124 -17.14 21.71 -17.62
CA PRO B 124 -17.85 22.66 -18.42
C PRO B 124 -19.09 22.03 -18.99
N GLU B 125 -19.95 22.96 -19.41
CA GLU B 125 -21.17 22.72 -20.14
C GLU B 125 -20.89 22.44 -21.64
N GLU B 126 -20.56 23.42 -22.52
CA GLU B 126 -20.52 23.15 -24.01
C GLU B 126 -20.84 24.37 -24.83
N GLY B 131 -13.40 25.36 -23.66
CA GLY B 131 -12.78 26.71 -23.72
C GLY B 131 -11.60 26.59 -22.75
N ILE B 132 -11.42 25.37 -22.31
CA ILE B 132 -10.50 25.06 -21.26
C ILE B 132 -9.16 24.89 -21.89
N ARG B 133 -8.16 25.20 -21.14
CA ARG B 133 -6.86 25.15 -21.71
C ARG B 133 -5.86 24.75 -20.68
N GLU B 134 -4.63 24.57 -21.16
CA GLU B 134 -3.57 24.03 -20.36
C GLU B 134 -2.57 25.14 -20.17
N ASN B 135 -2.07 25.26 -18.95
CA ASN B 135 -1.02 26.27 -18.61
C ASN B 135 0.32 25.58 -18.46
N PRO B 136 1.12 25.58 -19.53
CA PRO B 136 2.30 24.78 -19.43
C PRO B 136 3.36 25.34 -18.47
N GLN B 137 3.22 26.56 -17.96
CA GLN B 137 4.13 27.02 -16.90
C GLN B 137 3.71 26.59 -15.52
N ALA B 138 2.55 25.97 -15.37
CA ALA B 138 2.03 25.58 -14.05
C ALA B 138 2.89 24.55 -13.34
N SER B 139 3.06 24.74 -12.03
CA SER B 139 3.80 23.81 -11.19
C SER B 139 2.96 22.59 -10.74
N GLY B 140 1.67 22.64 -10.99
CA GLY B 140 0.73 21.57 -10.44
C GLY B 140 0.70 20.22 -11.13
N TYR B 141 -0.08 19.36 -10.53
CA TYR B 141 -0.37 18.02 -11.06
C TYR B 141 -1.27 18.02 -12.27
N ARG B 142 -1.05 16.99 -13.09
CA ARG B 142 -1.82 16.81 -14.28
C ARG B 142 -1.79 15.38 -14.76
N LEU B 143 -2.64 15.02 -15.70
CA LEU B 143 -2.45 13.73 -16.39
C LEU B 143 -1.15 13.69 -17.28
N PRO B 144 -0.50 12.51 -17.37
CA PRO B 144 0.60 12.33 -18.29
C PRO B 144 0.20 12.38 -19.78
N THR B 145 1.11 12.94 -20.61
CA THR B 145 0.96 12.83 -22.00
C THR B 145 1.18 11.36 -22.40
N LEU B 146 0.81 11.01 -23.64
CA LEU B 146 1.14 9.74 -24.17
C LEU B 146 2.61 9.42 -24.12
N ALA B 147 3.48 10.37 -24.52
CA ALA B 147 4.94 10.16 -24.44
C ALA B 147 5.40 9.90 -23.00
N GLU B 148 4.91 10.71 -22.08
CA GLU B 148 5.33 10.55 -20.68
C GLU B 148 4.90 9.19 -20.14
N TRP B 149 3.68 8.80 -20.46
CA TRP B 149 3.12 7.58 -19.89
C TRP B 149 3.90 6.38 -20.48
N GLN B 150 4.10 6.33 -21.82
CA GLN B 150 4.84 5.25 -22.47
C GLN B 150 6.24 5.13 -21.98
N VAL B 151 6.95 6.28 -21.95
CA VAL B 151 8.35 6.26 -21.51
C VAL B 151 8.41 5.73 -20.07
N ALA B 152 7.52 6.21 -19.25
CA ALA B 152 7.45 5.70 -17.85
C ALA B 152 7.18 4.21 -17.75
N ALA B 153 6.22 3.73 -18.55
CA ALA B 153 5.89 2.28 -18.58
C ALA B 153 7.05 1.43 -19.03
N ARG B 154 7.85 2.01 -19.99
CA ARG B 154 8.98 1.30 -20.49
C ARG B 154 10.24 1.42 -19.57
N GLY B 155 10.13 2.22 -18.51
CA GLY B 155 11.17 2.29 -17.54
C GLY B 155 12.18 3.41 -17.72
N GLY B 156 11.93 4.26 -18.69
CA GLY B 156 12.86 5.36 -19.00
C GLY B 156 14.33 4.95 -19.09
N ASN B 157 15.20 5.83 -18.57
CA ASN B 157 16.64 5.57 -18.56
C ASN B 157 16.99 4.28 -17.84
N LYS B 158 16.22 3.90 -16.82
CA LYS B 158 16.51 2.66 -16.09
C LYS B 158 16.20 1.43 -16.89
N GLY B 159 15.10 1.44 -17.62
CA GLY B 159 14.74 0.33 -18.51
C GLY B 159 15.71 0.21 -19.62
N LEU B 160 16.17 1.36 -20.13
CA LEU B 160 17.27 1.32 -21.16
C LEU B 160 18.49 0.66 -20.62
N SER B 161 18.85 1.03 -19.41
CA SER B 161 20.09 0.48 -18.79
C SER B 161 20.05 -0.99 -18.54
N ASP B 162 18.88 -1.49 -18.13
CA ASP B 162 18.83 -2.87 -17.69
C ASP B 162 18.24 -3.80 -18.73
N GLY B 163 17.92 -3.24 -19.88
CA GLY B 163 17.41 -4.04 -21.01
C GLY B 163 15.92 -4.35 -21.01
N THR B 164 15.15 -3.69 -20.17
CA THR B 164 13.69 -3.93 -20.14
C THR B 164 12.86 -2.89 -20.90
N TYR B 165 13.51 -1.92 -21.51
CA TYR B 165 12.81 -0.90 -22.30
C TYR B 165 11.95 -1.52 -23.42
N GLY B 166 12.42 -2.66 -23.94
CA GLY B 166 11.78 -3.38 -25.01
C GLY B 166 10.72 -4.37 -24.52
N SER B 167 10.47 -4.42 -23.23
CA SER B 167 9.43 -5.37 -22.64
C SER B 167 8.04 -5.02 -23.10
N ARG B 168 7.28 -6.04 -23.52
CA ARG B 168 5.90 -5.78 -24.08
C ARG B 168 4.97 -5.23 -23.01
N TYR B 169 5.14 -5.68 -21.77
CA TYR B 169 4.39 -5.19 -20.66
C TYR B 169 5.35 -4.47 -19.74
N ALA B 170 4.83 -3.68 -18.83
CA ALA B 170 5.70 -2.90 -17.90
C ALA B 170 6.52 -3.87 -17.06
N GLY B 171 7.81 -3.94 -17.34
CA GLY B 171 8.79 -4.75 -16.60
C GLY B 171 9.26 -6.13 -17.15
N LYS B 172 8.40 -6.85 -17.87
CA LYS B 172 8.57 -8.23 -18.35
C LYS B 172 7.77 -8.42 -19.61
N ASP B 173 8.20 -9.34 -20.45
CA ASP B 173 7.45 -9.72 -21.67
C ASP B 173 6.22 -10.51 -21.41
N GLN B 174 6.25 -11.30 -20.32
CA GLN B 174 5.10 -12.11 -19.93
C GLN B 174 4.33 -11.38 -18.84
N PRO B 175 3.04 -11.21 -19.04
CA PRO B 175 2.25 -10.36 -18.12
C PRO B 175 2.02 -10.87 -16.71
N ALA B 176 2.12 -12.20 -16.52
CA ALA B 176 1.64 -12.86 -15.32
C ALA B 176 2.11 -12.17 -14.10
N SER B 177 3.43 -11.94 -14.00
CA SER B 177 3.94 -11.47 -12.71
C SER B 177 3.83 -9.95 -12.52
N VAL B 178 3.47 -9.21 -13.58
CA VAL B 178 3.45 -7.76 -13.51
C VAL B 178 2.09 -7.08 -13.74
N ALA B 179 1.13 -7.79 -14.31
CA ALA B 179 -0.06 -7.15 -14.80
C ALA B 179 -1.30 -7.98 -14.48
N ASN B 180 -2.29 -7.27 -13.93
CA ASN B 180 -3.66 -7.84 -13.75
C ASN B 180 -4.48 -7.55 -15.06
N LEU B 181 -4.32 -8.50 -15.99
CA LEU B 181 -4.98 -8.54 -17.30
C LEU B 181 -5.69 -9.86 -17.43
N PRO B 182 -6.76 -9.92 -18.22
CA PRO B 182 -7.48 -11.22 -18.36
C PRO B 182 -6.76 -12.10 -19.33
N VAL B 183 -6.77 -13.35 -19.01
CA VAL B 183 -6.32 -14.35 -19.97
C VAL B 183 -7.50 -15.25 -20.26
N SER B 184 -7.50 -15.74 -21.50
CA SER B 184 -8.48 -16.68 -21.96
C SER B 184 -8.54 -17.87 -20.97
N GLY B 185 -9.76 -18.24 -20.58
CA GLY B 185 -9.95 -19.23 -19.53
C GLY B 185 -9.99 -18.79 -18.07
N THR B 186 -9.71 -17.52 -17.81
CA THR B 186 -9.74 -17.02 -16.40
C THR B 186 -11.14 -17.11 -15.87
N GLN B 187 -11.28 -17.39 -14.59
CA GLN B 187 -12.59 -17.49 -13.98
C GLN B 187 -12.90 -16.34 -13.07
N THR B 188 -11.98 -15.38 -13.00
CA THR B 188 -12.25 -14.19 -12.15
C THR B 188 -11.92 -12.86 -12.82
N PHE B 189 -12.76 -11.86 -12.60
CA PHE B 189 -12.55 -10.52 -13.15
C PHE B 189 -12.68 -9.48 -12.04
N SER B 190 -11.55 -9.00 -11.56
CA SER B 190 -11.61 -7.92 -10.60
C SER B 190 -10.30 -7.16 -10.53
N THR B 191 -10.38 -6.00 -9.99
CA THR B 191 -9.14 -5.25 -9.59
C THR B 191 -8.50 -5.91 -8.39
N LEU B 192 -7.23 -5.62 -8.23
CA LEU B 192 -6.40 -5.92 -7.04
C LEU B 192 -6.01 -4.63 -6.37
N PRO B 193 -5.77 -4.68 -5.02
CA PRO B 193 -5.10 -3.58 -4.36
C PRO B 193 -3.89 -3.14 -5.20
N VAL B 194 -3.68 -1.86 -5.26
CA VAL B 194 -2.52 -1.36 -6.01
C VAL B 194 -1.21 -2.02 -5.50
N ALA B 195 -0.22 -2.17 -6.40
CA ALA B 195 1.07 -2.74 -6.05
C ALA B 195 0.99 -4.16 -5.54
N SER B 196 0.07 -4.98 -6.10
CA SER B 196 0.05 -6.43 -5.80
C SER B 196 0.99 -7.29 -6.65
N LYS B 197 1.56 -6.73 -7.73
CA LYS B 197 2.33 -7.44 -8.65
C LYS B 197 3.70 -6.78 -8.68
N GLN B 198 4.54 -7.24 -9.57
CA GLN B 198 5.90 -6.69 -9.64
C GLN B 198 5.98 -5.39 -10.37
N PRO B 199 6.83 -4.49 -9.89
CA PRO B 199 7.01 -3.22 -10.53
C PRO B 199 7.92 -3.25 -11.76
N ASN B 200 7.98 -2.13 -12.50
CA ASN B 200 8.94 -2.01 -13.63
C ASN B 200 10.22 -1.39 -13.14
N SER B 201 11.11 -1.04 -14.08
CA SER B 201 12.47 -0.64 -13.67
C SER B 201 12.52 0.68 -12.98
N LEU B 202 11.47 1.49 -13.12
CA LEU B 202 11.39 2.77 -12.40
C LEU B 202 10.72 2.63 -11.03
N GLY B 203 10.33 1.40 -10.70
CA GLY B 203 9.67 1.10 -9.41
C GLY B 203 8.18 1.42 -9.47
N LEU B 204 7.63 1.56 -10.67
CA LEU B 204 6.17 1.81 -10.85
C LEU B 204 5.40 0.52 -10.90
N TYR B 205 4.18 0.57 -10.35
CA TYR B 205 3.32 -0.62 -10.24
C TYR B 205 2.09 -0.40 -11.12
N ASP B 206 1.63 -1.49 -11.73
CA ASP B 206 0.40 -1.54 -12.51
C ASP B 206 0.32 -0.64 -13.74
N MET B 207 1.44 -0.31 -14.37
CA MET B 207 1.32 0.48 -15.57
C MET B 207 0.64 -0.39 -16.63
N SER B 208 0.91 -1.68 -16.58
CA SER B 208 0.15 -2.63 -17.35
C SER B 208 -0.93 -3.24 -16.41
N GLY B 209 -2.17 -3.26 -16.87
CA GLY B 209 -3.24 -3.96 -16.09
C GLY B 209 -3.82 -3.18 -14.92
N ASN B 210 -4.71 -3.88 -14.20
CA ASN B 210 -5.51 -3.40 -13.07
C ASN B 210 -6.58 -2.47 -13.57
N VAL B 211 -6.37 -1.17 -13.63
CA VAL B 211 -7.23 -0.31 -14.42
C VAL B 211 -6.44 0.36 -15.55
N SER B 212 -7.14 0.60 -16.64
CA SER B 212 -6.64 1.45 -17.72
C SER B 212 -6.48 2.87 -17.17
N GLU B 213 -5.73 3.73 -17.85
CA GLU B 213 -5.29 4.99 -17.26
C GLU B 213 -5.47 6.16 -18.22
N TRP B 214 -6.30 7.11 -17.79
CA TRP B 214 -6.59 8.36 -18.55
C TRP B 214 -5.26 9.15 -18.79
N LEU B 215 -5.12 9.65 -20.00
CA LEU B 215 -4.04 10.56 -20.43
C LEU B 215 -4.51 11.97 -20.73
N ASN B 216 -3.54 12.89 -20.72
CA ASN B 216 -3.76 14.23 -21.15
C ASN B 216 -3.93 14.31 -22.67
N GLU B 217 -3.58 13.25 -23.37
CA GLU B 217 -3.49 13.20 -24.82
C GLU B 217 -4.87 13.24 -25.57
N ASN B 218 -5.04 14.28 -26.39
CA ASN B 218 -6.26 14.53 -27.12
C ASN B 218 -6.26 13.65 -28.41
N TYR B 219 -7.41 13.19 -28.82
CA TYR B 219 -7.63 12.53 -30.10
C TYR B 219 -8.70 13.35 -30.85
N ALA B 220 -8.33 14.01 -31.95
CA ALA B 220 -9.24 14.97 -32.69
C ALA B 220 -10.45 14.29 -33.34
N VAL B 221 -11.60 14.87 -33.17
CA VAL B 221 -12.84 14.31 -33.78
C VAL B 221 -13.72 15.38 -34.33
N LYS B 222 -14.56 15.02 -35.27
CA LYS B 222 -15.45 15.98 -35.85
C LYS B 222 -16.52 16.30 -34.83
N GLY B 223 -16.71 17.61 -34.67
CA GLY B 223 -17.60 18.14 -33.68
C GLY B 223 -16.82 18.76 -32.54
N GLY B 224 -17.62 19.30 -31.62
CA GLY B 224 -17.19 19.74 -30.33
C GLY B 224 -17.71 18.69 -29.36
N LYS B 225 -17.41 17.41 -29.60
CA LYS B 225 -17.10 16.54 -28.48
C LYS B 225 -15.57 16.46 -28.59
N LYS B 226 -14.89 16.33 -27.45
CA LYS B 226 -13.48 15.96 -27.39
C LYS B 226 -13.35 14.48 -27.10
N MET B 227 -12.15 13.93 -27.35
CA MET B 227 -11.80 12.62 -26.89
C MET B 227 -10.38 12.55 -26.41
N TYR B 228 -10.18 11.68 -25.43
CA TYR B 228 -8.88 11.47 -24.80
C TYR B 228 -8.49 10.03 -24.76
N TYR B 229 -7.17 9.80 -24.83
CA TYR B 229 -6.61 8.49 -24.75
C TYR B 229 -6.68 7.97 -23.31
N PHE B 230 -6.82 6.64 -23.21
CA PHE B 230 -6.47 5.88 -21.99
C PHE B 230 -5.66 4.65 -22.40
N CYS B 231 -4.69 4.29 -21.60
CA CYS B 231 -3.71 3.26 -21.94
C CYS B 231 -3.49 2.22 -20.85
N GLY B 232 -2.93 1.10 -21.27
CA GLY B 232 -2.23 0.15 -20.41
C GLY B 232 -2.97 -1.15 -20.12
N GLY B 233 -4.25 -1.18 -20.49
CA GLY B 233 -5.08 -2.38 -20.26
C GLY B 233 -5.60 -2.43 -18.82
N SER B 234 -6.52 -3.36 -18.60
CA SER B 234 -7.19 -3.48 -17.26
C SER B 234 -7.52 -4.94 -16.96
N TYR B 235 -8.10 -5.17 -15.78
CA TYR B 235 -8.55 -6.50 -15.35
C TYR B 235 -9.56 -7.15 -16.33
N MET B 236 -10.22 -6.32 -17.09
CA MET B 236 -11.21 -6.82 -18.08
C MET B 236 -10.92 -6.38 -19.51
N ASP B 237 -9.80 -5.77 -19.77
CA ASP B 237 -9.48 -5.32 -21.17
C ASP B 237 -8.08 -5.88 -21.49
N ARG B 238 -8.02 -7.04 -22.13
CA ARG B 238 -6.74 -7.60 -22.59
C ARG B 238 -6.12 -6.69 -23.64
N VAL B 239 -4.83 -6.52 -23.52
CA VAL B 239 -4.07 -5.71 -24.48
C VAL B 239 -2.82 -6.51 -24.84
N GLY B 240 -2.29 -6.27 -26.03
CA GLY B 240 -1.12 -6.96 -26.50
C GLY B 240 0.23 -6.44 -26.00
N SER B 241 0.21 -5.20 -25.49
CA SER B 241 1.36 -4.54 -24.95
C SER B 241 0.99 -3.28 -24.19
N LEU B 242 2.01 -2.64 -23.62
CA LEU B 242 1.82 -1.35 -23.00
C LEU B 242 1.54 -0.21 -23.99
N ALA B 243 1.69 -0.42 -25.31
CA ALA B 243 1.39 0.61 -26.32
C ALA B 243 -0.10 0.62 -26.80
N SER B 244 -0.90 -0.28 -26.23
CA SER B 244 -2.29 -0.40 -26.59
C SER B 244 -3.07 0.62 -25.85
N CYS B 245 -3.71 1.47 -26.62
CA CYS B 245 -4.54 2.52 -26.04
C CYS B 245 -5.86 2.63 -26.80
N ASP B 246 -6.84 3.27 -26.19
CA ASP B 246 -8.04 3.61 -26.87
C ASP B 246 -8.54 4.98 -26.38
N VAL B 247 -9.72 5.39 -26.85
CA VAL B 247 -10.23 6.74 -26.61
C VAL B 247 -11.70 6.76 -26.12
N HIS B 248 -12.01 7.79 -25.36
CA HIS B 248 -13.37 8.10 -24.91
C HIS B 248 -13.57 9.60 -24.75
N THR B 249 -14.85 10.02 -24.85
CA THR B 249 -15.20 11.40 -24.48
C THR B 249 -14.90 11.68 -22.99
N PRO B 250 -14.68 12.97 -22.60
CA PRO B 250 -14.16 13.18 -21.27
C PRO B 250 -15.21 13.00 -20.16
N GLY B 251 -16.50 13.01 -20.48
CA GLY B 251 -17.50 12.72 -19.45
C GLY B 251 -17.77 11.25 -19.20
N PHE B 252 -17.16 10.37 -19.97
CA PHE B 252 -17.34 8.96 -19.83
C PHE B 252 -16.55 8.38 -18.65
N ALA B 253 -17.13 7.33 -18.05
CA ALA B 253 -16.45 6.61 -16.95
C ALA B 253 -16.85 5.20 -16.95
N MET B 254 -16.03 4.34 -16.40
CA MET B 254 -16.29 2.88 -16.41
C MET B 254 -15.58 2.19 -15.27
N SER B 255 -15.93 0.92 -15.09
CA SER B 255 -15.43 0.18 -13.95
C SER B 255 -13.97 -0.08 -14.10
N ASP B 256 -13.43 0.04 -15.31
CA ASP B 256 -12.03 -0.44 -15.47
C ASP B 256 -11.11 0.66 -15.97
N ILE B 257 -11.54 1.92 -15.84
CA ILE B 257 -10.68 3.07 -16.12
C ILE B 257 -10.48 3.94 -14.84
N GLY B 258 -9.19 4.14 -14.52
CA GLY B 258 -8.74 5.04 -13.48
C GLY B 258 -7.68 5.96 -14.03
N PHE B 259 -6.82 6.35 -13.16
CA PHE B 259 -5.71 7.30 -13.56
C PHE B 259 -4.58 7.37 -12.51
N ARG B 260 -3.43 7.94 -12.97
CA ARG B 260 -2.33 8.37 -12.14
C ARG B 260 -1.79 9.72 -12.63
N LEU B 261 -1.19 10.50 -11.72
CA LEU B 261 -0.75 11.89 -12.04
C LEU B 261 0.73 12.04 -12.18
N VAL B 262 1.09 13.05 -12.96
CA VAL B 262 2.43 13.51 -13.04
C VAL B 262 2.51 14.98 -12.58
N ARG B 263 3.74 15.43 -12.37
CA ARG B 263 4.01 16.83 -12.04
C ARG B 263 5.33 17.18 -12.62
N PRO B 264 5.45 18.36 -13.22
CA PRO B 264 6.78 18.74 -13.82
C PRO B 264 7.85 18.94 -12.75
N ILE B 265 9.11 18.67 -13.06
CA ILE B 265 10.25 19.03 -12.22
C ILE B 265 10.99 20.22 -12.91
N ASP B 266 11.53 21.13 -12.13
CA ASP B 266 12.36 22.29 -12.65
C ASP B 266 13.81 21.90 -12.68
#